data_3I5Y
#
_entry.id   3I5Y
#
_cell.length_a   89.190
_cell.length_b   126.352
_cell.length_c   55.990
_cell.angle_alpha   90.00
_cell.angle_beta   90.00
_cell.angle_gamma   90.00
#
_symmetry.space_group_name_H-M   'P 21 21 2'
#
loop_
_entity.id
_entity.type
_entity.pdbx_description
1 polymer 'ATP-dependent RNA helicase MSS116'
2 polymer "5'-R(*UP*UP*UP*(5BU)P*UP*UP*UP*UP*UP*U)-3'"
3 non-polymer 'PHOSPHOAMINOPHOSPHONIC ACID-ADENYLATE ESTER'
4 non-polymer 'MAGNESIUM ION'
5 water water
#
loop_
_entity_poly.entity_id
_entity_poly.type
_entity_poly.pdbx_seq_one_letter_code
_entity_poly.pdbx_strand_id
1 'polypeptide(L)'
;GSLYNDGNRDQRNFGRNQRNNNSNRYRNSRFNSRPRTRSREDDDEVHFDKTTFSKLIHVPKEDNSKEVTLDSLLEEGVLD
KEIHKAITRMEFPGLTPVQQKTIKPILSSEDHDVIARAKTGTGKTFAFLIPIFQHLINTKFDSQYMVKAVIVAPTRDLAL
QIEAEVKKIHDMNYGLKKYACVSLVGGTDFRAAMNKMNKLRPNIVIATPGRLIDVLEKYSNKFFRFVDYKVLDEADRLLE
IGFRDDLETISGILNEKNSKSADNIKTLLFSATLDDKVQKLANNIMNKKECLFLDTVDKNEPEAHERIDQSVVISEKFAN
SIFAAVEHIKKQIKERDSNYKAIIFAPTVKFTSFLCSILKNEFKKDLPILEFHGKITQNKRTSLVKRFKKDESGILVCTD
VGARGMDFPNVHEVLQIGVPSELANYIHRIGRTARSGKEGSSVLFICKDELPFVRELEDAKNIVIAKQEKYEPSEEIKSE
VLEAVTEEPEDISDIVISLISSYRSCIKEYRFSERRILPEIASTYGVLLNDPQLKIPVSRRFLDKLGLSRSPIGKAMFEI
RDY
;
A
2 'polyribonucleotide' UUU(5BU)UUUUUU B
#
loop_
_chem_comp.id
_chem_comp.type
_chem_comp.name
_chem_comp.formula
5BU RNA linking 5-BROMO-URIDINE-5'-MONOPHOSPHATE 'C9 H12 Br N2 O9 P'
ANP non-polymer 'PHOSPHOAMINOPHOSPHONIC ACID-ADENYLATE ESTER' 'C10 H17 N6 O12 P3'
MG non-polymer 'MAGNESIUM ION' 'Mg 2'
U RNA linking URIDINE-5'-MONOPHOSPHATE 'C9 H13 N2 O9 P'
#
# COMPACT_ATOMS: atom_id res chain seq x y z
N SER A 54 10.13 24.90 8.31
CA SER A 54 9.53 26.05 7.56
C SER A 54 8.03 26.18 7.85
N LYS A 55 7.39 27.18 7.25
CA LYS A 55 6.00 27.52 7.58
C LYS A 55 5.01 26.55 6.96
N LEU A 56 4.11 26.03 7.80
CA LEU A 56 3.09 25.07 7.38
C LEU A 56 1.70 25.72 7.47
N ILE A 57 1.08 25.95 6.31
CA ILE A 57 -0.24 26.58 6.24
C ILE A 57 -1.33 25.53 6.18
N HIS A 58 -2.08 25.39 7.27
CA HIS A 58 -3.25 24.49 7.31
C HIS A 58 -4.38 25.00 6.43
N VAL A 59 -4.92 24.13 5.60
CA VAL A 59 -6.15 24.42 4.86
C VAL A 59 -7.13 23.26 5.14
N PRO A 60 -7.86 23.35 6.27
CA PRO A 60 -8.74 22.27 6.69
C PRO A 60 -10.03 22.15 5.87
N LYS A 61 -10.80 21.11 6.16
CA LYS A 61 -11.98 20.75 5.37
C LYS A 61 -13.10 21.80 5.54
N GLU A 62 -13.58 22.30 4.41
CA GLU A 62 -14.74 23.19 4.37
C GLU A 62 -15.92 22.44 3.77
N ASP A 63 -17.11 22.61 4.35
CA ASP A 63 -18.31 21.85 3.94
C ASP A 63 -19.35 22.67 3.17
N ASN A 64 -19.02 23.93 2.85
CA ASN A 64 -19.93 24.82 2.10
C ASN A 64 -19.27 25.54 0.92
N SER A 65 -18.02 25.19 0.60
CA SER A 65 -17.27 25.84 -0.47
C SER A 65 -17.77 25.43 -1.87
N LYS A 66 -17.40 26.23 -2.88
CA LYS A 66 -17.97 26.09 -4.23
C LYS A 66 -17.32 24.94 -5.02
N GLU A 67 -18.15 24.10 -5.62
CA GLU A 67 -17.70 22.91 -6.33
C GLU A 67 -16.86 23.26 -7.54
N VAL A 68 -15.57 22.94 -7.50
CA VAL A 68 -14.65 23.12 -8.64
C VAL A 68 -14.89 21.99 -9.65
N THR A 69 -14.67 22.29 -10.93
CA THR A 69 -14.97 21.35 -12.01
C THR A 69 -13.97 21.48 -13.14
N LEU A 70 -13.95 20.47 -14.02
CA LEU A 70 -13.08 20.50 -15.21
C LEU A 70 -13.41 21.72 -16.07
N ASP A 71 -14.70 21.91 -16.38
CA ASP A 71 -15.15 23.06 -17.17
C ASP A 71 -14.67 24.37 -16.55
N SER A 72 -14.94 24.57 -15.26
CA SER A 72 -14.55 25.82 -14.60
C SER A 72 -13.05 26.05 -14.65
N LEU A 73 -12.26 25.00 -14.39
CA LEU A 73 -10.80 25.13 -14.45
C LEU A 73 -10.30 25.49 -15.86
N LEU A 74 -11.00 25.00 -16.90
CA LEU A 74 -10.63 25.33 -18.29
C LEU A 74 -10.82 26.82 -18.57
N GLU A 75 -12.04 27.31 -18.34
CA GLU A 75 -12.40 28.69 -18.62
C GLU A 75 -11.60 29.67 -17.74
N GLU A 76 -11.25 29.22 -16.53
CA GLU A 76 -10.51 30.02 -15.56
C GLU A 76 -9.02 30.20 -15.93
N GLY A 77 -8.49 29.34 -16.80
CA GLY A 77 -7.10 29.45 -17.26
C GLY A 77 -6.09 28.49 -16.63
N VAL A 78 -6.54 27.68 -15.68
CA VAL A 78 -5.67 26.74 -14.97
C VAL A 78 -5.37 25.50 -15.82
N LEU A 79 -6.41 24.93 -16.42
CA LEU A 79 -6.28 23.76 -17.28
C LEU A 79 -6.33 24.13 -18.77
N ASP A 80 -5.48 23.50 -19.55
CA ASP A 80 -5.43 23.68 -21.00
C ASP A 80 -6.48 22.77 -21.64
N LYS A 81 -6.90 23.11 -22.86
CA LYS A 81 -7.92 22.34 -23.57
C LYS A 81 -7.56 20.85 -23.70
N GLU A 82 -6.29 20.55 -23.95
CA GLU A 82 -5.87 19.15 -24.22
C GLU A 82 -5.95 18.23 -22.99
N ILE A 83 -5.70 18.75 -21.79
CA ILE A 83 -5.80 17.94 -20.58
C ILE A 83 -7.25 17.82 -20.12
N HIS A 84 -8.02 18.90 -20.27
CA HIS A 84 -9.47 18.89 -20.05
C HIS A 84 -10.17 17.83 -20.93
N LYS A 85 -9.69 17.69 -22.15
CA LYS A 85 -10.23 16.76 -23.12
C LYS A 85 -10.01 15.32 -22.68
N ALA A 86 -8.82 15.04 -22.15
CA ALA A 86 -8.42 13.69 -21.77
C ALA A 86 -9.18 13.16 -20.56
N ILE A 87 -9.49 14.04 -19.61
CA ILE A 87 -10.17 13.68 -18.35
C ILE A 87 -11.69 13.68 -18.52
N THR A 88 -12.22 14.58 -19.34
CA THR A 88 -13.65 14.61 -19.63
C THR A 88 -14.07 13.30 -20.31
N ARG A 89 -13.25 12.80 -21.22
CA ARG A 89 -13.54 11.54 -21.93
C ARG A 89 -13.62 10.30 -21.04
N MET A 90 -13.07 10.38 -19.82
CA MET A 90 -13.20 9.29 -18.85
C MET A 90 -14.60 9.20 -18.23
N GLU A 91 -15.39 10.26 -18.37
CA GLU A 91 -16.78 10.30 -17.93
C GLU A 91 -16.98 10.07 -16.42
N PHE A 92 -16.21 10.81 -15.62
CA PHE A 92 -16.41 10.81 -14.17
C PHE A 92 -17.49 11.84 -13.82
N PRO A 93 -18.40 11.50 -12.90
CA PRO A 93 -19.47 12.40 -12.47
C PRO A 93 -18.98 13.83 -12.24
N GLY A 94 -17.86 13.96 -11.53
CA GLY A 94 -17.18 15.23 -11.36
C GLY A 94 -15.75 14.95 -10.93
N LEU A 95 -15.08 15.98 -10.42
CA LEU A 95 -13.77 15.81 -9.81
C LEU A 95 -13.97 15.51 -8.33
N THR A 96 -13.13 14.64 -7.77
CA THR A 96 -13.23 14.26 -6.36
C THR A 96 -12.85 15.42 -5.43
N PRO A 97 -13.18 15.32 -4.14
CA PRO A 97 -12.83 16.42 -3.23
C PRO A 97 -11.33 16.76 -3.21
N VAL A 98 -10.47 15.75 -3.16
CA VAL A 98 -9.04 15.98 -3.16
C VAL A 98 -8.58 16.58 -4.49
N GLN A 99 -9.14 16.08 -5.60
CA GLN A 99 -8.86 16.62 -6.93
C GLN A 99 -9.24 18.10 -7.03
N GLN A 100 -10.44 18.46 -6.55
CA GLN A 100 -10.89 19.86 -6.57
C GLN A 100 -9.96 20.75 -5.75
N LYS A 101 -9.53 20.23 -4.60
CA LYS A 101 -8.78 21.02 -3.63
C LYS A 101 -7.31 21.22 -3.99
N THR A 102 -6.72 20.30 -4.77
CA THR A 102 -5.27 20.30 -4.97
C THR A 102 -4.79 20.85 -6.33
N ILE A 103 -5.60 20.72 -7.38
CA ILE A 103 -5.11 20.97 -8.74
C ILE A 103 -4.62 22.40 -8.95
N LYS A 104 -5.40 23.39 -8.52
CA LYS A 104 -4.99 24.78 -8.70
C LYS A 104 -3.79 25.15 -7.82
N PRO A 105 -3.85 24.86 -6.50
CA PRO A 105 -2.68 25.09 -5.66
C PRO A 105 -1.39 24.43 -6.16
N ILE A 106 -1.43 23.16 -6.56
CA ILE A 106 -0.23 22.50 -7.06
C ILE A 106 0.36 23.31 -8.24
N LEU A 107 -0.51 23.84 -9.11
CA LEU A 107 -0.07 24.60 -10.28
C LEU A 107 0.22 26.07 -9.98
N SER A 108 -0.21 26.56 -8.82
CA SER A 108 -0.03 27.96 -8.46
C SER A 108 1.43 28.36 -8.52
N SER A 109 1.70 29.54 -9.10
CA SER A 109 3.07 30.05 -9.24
C SER A 109 3.66 30.58 -7.93
N GLU A 110 2.89 30.48 -6.85
CA GLU A 110 3.40 30.67 -5.49
C GLU A 110 4.44 29.58 -5.20
N ASP A 111 5.49 29.98 -4.49
CA ASP A 111 6.66 29.13 -4.30
C ASP A 111 6.47 28.26 -3.05
N HIS A 112 5.65 27.21 -3.18
CA HIS A 112 5.31 26.36 -2.04
C HIS A 112 5.29 24.87 -2.38
N ASP A 113 5.52 24.05 -1.35
CA ASP A 113 5.32 22.62 -1.44
C ASP A 113 3.88 22.31 -1.06
N VAL A 114 3.44 21.10 -1.32
CA VAL A 114 2.07 20.69 -1.02
C VAL A 114 2.02 19.35 -0.29
N ILE A 115 1.31 19.31 0.83
CA ILE A 115 0.94 18.04 1.46
C ILE A 115 -0.56 17.91 1.30
N ALA A 116 -1.03 16.69 1.05
CA ALA A 116 -2.45 16.43 0.82
C ALA A 116 -2.86 15.08 1.41
N ARG A 117 -3.91 15.13 2.23
CA ARG A 117 -4.49 13.92 2.80
C ARG A 117 -5.91 13.74 2.29
N ALA A 118 -6.16 12.58 1.69
CA ALA A 118 -7.50 12.19 1.29
C ALA A 118 -7.65 10.68 1.46
N LYS A 119 -8.89 10.22 1.57
CA LYS A 119 -9.17 8.86 1.98
C LYS A 119 -8.85 7.86 0.89
N THR A 120 -8.70 6.61 1.28
CA THR A 120 -8.51 5.55 0.32
C THR A 120 -9.65 5.59 -0.71
N GLY A 121 -9.26 5.59 -1.98
CA GLY A 121 -10.17 5.38 -3.11
C GLY A 121 -10.74 6.63 -3.74
N THR A 122 -10.23 7.80 -3.35
CA THR A 122 -10.88 9.04 -3.76
C THR A 122 -10.07 9.81 -4.79
N GLY A 123 -9.19 9.11 -5.50
CA GLY A 123 -8.59 9.63 -6.73
C GLY A 123 -7.38 10.53 -6.56
N LYS A 124 -6.64 10.34 -5.47
CA LYS A 124 -5.38 11.07 -5.27
C LYS A 124 -4.45 10.98 -6.48
N THR A 125 -4.44 9.86 -7.20
CA THR A 125 -3.55 9.68 -8.34
C THR A 125 -3.71 10.83 -9.34
N PHE A 126 -4.92 11.03 -9.86
CA PHE A 126 -5.16 12.13 -10.82
C PHE A 126 -5.10 13.50 -10.15
N ALA A 127 -5.29 13.53 -8.83
CA ALA A 127 -5.02 14.74 -8.05
C ALA A 127 -3.59 15.26 -8.28
N PHE A 128 -2.63 14.39 -8.61
CA PHE A 128 -1.28 14.85 -9.02
C PHE A 128 -0.92 14.71 -10.51
N LEU A 129 -1.46 13.72 -11.20
CA LEU A 129 -1.15 13.54 -12.63
C LEU A 129 -1.72 14.67 -13.47
N ILE A 130 -2.87 15.20 -13.08
CA ILE A 130 -3.51 16.28 -13.83
C ILE A 130 -2.69 17.56 -13.80
N PRO A 131 -2.30 18.02 -12.59
CA PRO A 131 -1.44 19.20 -12.54
C PRO A 131 -0.07 18.99 -13.17
N ILE A 132 0.47 17.77 -13.10
CA ILE A 132 1.77 17.51 -13.70
C ILE A 132 1.68 17.69 -15.22
N PHE A 133 0.68 17.10 -15.86
CA PHE A 133 0.48 17.26 -17.31
C PHE A 133 0.37 18.74 -17.69
N GLN A 134 -0.39 19.51 -16.93
CA GLN A 134 -0.54 20.93 -17.21
C GLN A 134 0.80 21.66 -17.20
N HIS A 135 1.65 21.33 -16.25
CA HIS A 135 2.96 21.94 -16.16
C HIS A 135 3.82 21.58 -17.37
N LEU A 136 3.68 20.35 -17.86
CA LEU A 136 4.38 19.95 -19.07
C LEU A 136 3.89 20.72 -20.30
N ILE A 137 2.60 21.05 -20.30
CA ILE A 137 2.02 21.83 -21.39
C ILE A 137 2.51 23.28 -21.28
N ASN A 138 2.30 23.88 -20.11
CA ASN A 138 2.82 25.22 -19.80
C ASN A 138 4.25 25.49 -20.26
N THR A 139 5.12 24.49 -20.11
CA THR A 139 6.54 24.61 -20.41
C THR A 139 6.99 23.69 -21.56
N LYS A 140 6.10 23.47 -22.53
CA LYS A 140 6.36 22.47 -23.58
C LYS A 140 7.61 22.71 -24.43
N PHE A 141 7.98 23.97 -24.67
CA PHE A 141 9.14 24.29 -25.53
C PHE A 141 10.48 24.30 -24.78
N ASP A 142 10.43 24.26 -23.45
CA ASP A 142 11.63 24.30 -22.62
C ASP A 142 12.04 22.91 -22.19
N SER A 143 13.29 22.53 -22.50
CA SER A 143 13.88 21.28 -22.04
C SER A 143 13.00 20.06 -22.37
N GLN A 144 12.48 20.04 -23.59
CA GLN A 144 11.43 19.09 -23.97
C GLN A 144 11.85 17.60 -23.94
N TYR A 145 13.15 17.33 -23.96
CA TYR A 145 13.65 15.96 -23.86
C TYR A 145 14.08 15.61 -22.44
N MET A 146 13.61 16.37 -21.45
CA MET A 146 14.09 16.20 -20.08
C MET A 146 12.99 15.82 -19.09
N VAL A 147 13.36 15.00 -18.09
CA VAL A 147 12.44 14.62 -17.03
C VAL A 147 12.10 15.84 -16.20
N LYS A 148 10.82 16.22 -16.20
CA LYS A 148 10.34 17.34 -15.40
C LYS A 148 9.57 16.95 -14.15
N ALA A 149 9.08 15.71 -14.08
CA ALA A 149 8.31 15.22 -12.92
C ALA A 149 8.78 13.82 -12.55
N VAL A 150 9.12 13.63 -11.27
CA VAL A 150 9.55 12.34 -10.77
C VAL A 150 8.60 11.88 -9.67
N ILE A 151 7.85 10.81 -9.96
CA ILE A 151 6.92 10.21 -9.02
C ILE A 151 7.56 8.97 -8.41
N VAL A 152 7.63 8.95 -7.07
CA VAL A 152 8.22 7.81 -6.34
C VAL A 152 7.11 7.07 -5.58
N ALA A 153 7.20 5.75 -5.50
CA ALA A 153 6.23 4.96 -4.72
C ALA A 153 6.91 3.82 -3.98
N PRO A 154 6.27 3.31 -2.90
CA PRO A 154 6.89 2.31 -2.03
C PRO A 154 6.94 0.88 -2.55
N THR A 155 6.12 0.55 -3.54
CA THR A 155 6.16 -0.76 -4.19
C THR A 155 6.17 -0.60 -5.70
N ARG A 156 6.70 -1.63 -6.36
CA ARG A 156 6.88 -1.63 -7.79
C ARG A 156 5.54 -1.60 -8.48
N ASP A 157 4.64 -2.46 -8.00
CA ASP A 157 3.31 -2.57 -8.56
C ASP A 157 2.50 -1.29 -8.46
N LEU A 158 2.79 -0.45 -7.47
CA LEU A 158 2.11 0.85 -7.40
C LEU A 158 2.76 1.83 -8.40
N ALA A 159 4.08 1.72 -8.60
CA ALA A 159 4.75 2.50 -9.63
C ALA A 159 4.19 2.12 -11.00
N LEU A 160 4.03 0.82 -11.24
CA LEU A 160 3.50 0.35 -12.50
C LEU A 160 2.02 0.70 -12.66
N GLN A 161 1.27 0.82 -11.57
CA GLN A 161 -0.12 1.28 -11.64
C GLN A 161 -0.21 2.75 -12.04
N ILE A 162 0.69 3.59 -11.52
CA ILE A 162 0.63 5.02 -11.79
C ILE A 162 0.98 5.27 -13.26
N GLU A 163 2.04 4.63 -13.75
CA GLU A 163 2.36 4.65 -15.17
C GLU A 163 1.12 4.31 -15.97
N ALA A 164 0.40 3.27 -15.54
CA ALA A 164 -0.75 2.78 -16.30
C ALA A 164 -1.80 3.87 -16.43
N GLU A 165 -1.99 4.63 -15.34
CA GLU A 165 -2.94 5.72 -15.32
C GLU A 165 -2.48 6.82 -16.26
N VAL A 166 -1.18 7.16 -16.21
CA VAL A 166 -0.63 8.06 -17.19
C VAL A 166 -0.90 7.56 -18.63
N LYS A 167 -0.78 6.26 -18.87
CA LYS A 167 -1.09 5.73 -20.20
C LYS A 167 -2.57 5.87 -20.55
N LYS A 168 -3.44 5.77 -19.53
CA LYS A 168 -4.89 6.01 -19.73
C LYS A 168 -5.19 7.46 -20.15
N ILE A 169 -4.46 8.43 -19.59
CA ILE A 169 -4.56 9.82 -20.01
C ILE A 169 -4.12 9.95 -21.47
N HIS A 170 -3.04 9.29 -21.82
CA HIS A 170 -2.56 9.25 -23.21
C HIS A 170 -3.60 8.71 -24.20
N ASP A 171 -4.29 7.63 -23.84
CA ASP A 171 -5.19 6.96 -24.78
C ASP A 171 -6.51 7.70 -24.97
N MET A 172 -6.85 8.57 -24.03
CA MET A 172 -8.00 9.46 -24.14
C MET A 172 -7.67 10.74 -24.90
N ASN A 173 -6.40 10.95 -25.24
CA ASN A 173 -5.98 12.08 -26.07
C ASN A 173 -4.60 11.87 -26.66
N TYR A 174 -4.52 11.35 -27.89
CA TYR A 174 -3.23 11.04 -28.52
C TYR A 174 -2.30 12.27 -28.59
N GLY A 175 -2.86 13.46 -28.43
CA GLY A 175 -2.09 14.69 -28.39
C GLY A 175 -1.14 14.81 -27.20
N LEU A 176 -1.50 14.15 -26.09
CA LEU A 176 -0.69 14.21 -24.87
C LEU A 176 0.45 13.18 -24.85
N LYS A 177 0.48 12.27 -25.83
CA LYS A 177 1.53 11.26 -25.93
C LYS A 177 2.96 11.84 -26.03
N LYS A 178 3.10 13.02 -26.61
CA LYS A 178 4.40 13.71 -26.68
C LYS A 178 5.04 13.91 -25.31
N TYR A 179 4.20 14.00 -24.28
CA TYR A 179 4.63 14.06 -22.87
C TYR A 179 4.82 12.63 -22.35
N ALA A 180 5.94 12.03 -22.72
CA ALA A 180 6.16 10.62 -22.50
C ALA A 180 6.45 10.29 -21.03
N CYS A 181 6.34 9.01 -20.72
CA CYS A 181 6.46 8.51 -19.36
C CYS A 181 7.19 7.18 -19.39
N VAL A 182 8.13 7.00 -18.47
CA VAL A 182 8.86 5.75 -18.32
C VAL A 182 8.92 5.34 -16.84
N SER A 183 8.74 4.05 -16.57
CA SER A 183 8.78 3.54 -15.20
C SER A 183 10.12 2.89 -14.95
N LEU A 184 10.77 3.26 -13.86
CA LEU A 184 12.05 2.65 -13.47
C LEU A 184 11.85 1.94 -12.14
N VAL A 185 11.70 0.62 -12.21
CA VAL A 185 11.42 -0.20 -11.03
C VAL A 185 12.26 -1.46 -11.05
N GLY A 186 12.49 -2.03 -9.87
CA GLY A 186 13.27 -3.27 -9.76
C GLY A 186 12.50 -4.45 -10.32
N GLY A 187 13.24 -5.50 -10.69
CA GLY A 187 12.66 -6.72 -11.24
C GLY A 187 12.49 -6.71 -12.76
N THR A 188 12.92 -5.63 -13.40
CA THR A 188 12.79 -5.44 -14.83
C THR A 188 14.17 -5.27 -15.44
N ASP A 189 14.28 -5.42 -16.76
CA ASP A 189 15.58 -5.31 -17.42
C ASP A 189 16.04 -3.85 -17.38
N PHE A 190 17.18 -3.62 -16.75
CA PHE A 190 17.76 -2.29 -16.61
C PHE A 190 18.09 -1.67 -17.96
N ARG A 191 18.80 -2.42 -18.80
CA ARG A 191 19.21 -1.94 -20.11
C ARG A 191 18.00 -1.52 -20.93
N ALA A 192 16.94 -2.34 -20.88
CA ALA A 192 15.74 -2.11 -21.69
C ALA A 192 14.99 -0.85 -21.26
N ALA A 193 14.93 -0.62 -19.95
CA ALA A 193 14.33 0.61 -19.41
C ALA A 193 15.14 1.83 -19.84
N MET A 194 16.46 1.67 -19.91
CA MET A 194 17.33 2.78 -20.29
C MET A 194 17.23 3.06 -21.79
N ASN A 195 17.04 2.01 -22.59
CA ASN A 195 16.73 2.18 -24.00
C ASN A 195 15.45 2.98 -24.16
N LYS A 196 14.47 2.68 -23.31
CA LYS A 196 13.21 3.39 -23.32
C LYS A 196 13.37 4.86 -22.89
N MET A 197 14.26 5.14 -21.93
CA MET A 197 14.54 6.53 -21.53
C MET A 197 15.17 7.31 -22.69
N ASN A 198 16.07 6.66 -23.42
CA ASN A 198 16.74 7.28 -24.57
C ASN A 198 15.85 7.48 -25.79
N LYS A 199 15.04 6.47 -26.09
CA LYS A 199 14.21 6.47 -27.28
C LYS A 199 13.02 7.41 -27.10
N LEU A 200 12.42 7.41 -25.91
CA LEU A 200 11.24 8.24 -25.64
C LEU A 200 11.57 9.62 -25.04
N ARG A 201 12.70 9.76 -24.33
CA ARG A 201 13.06 11.02 -23.66
C ARG A 201 11.88 11.55 -22.84
N PRO A 202 11.44 10.77 -21.84
CA PRO A 202 10.21 11.10 -21.13
C PRO A 202 10.33 12.35 -20.32
N ASN A 203 9.19 13.02 -20.13
CA ASN A 203 9.06 14.14 -19.22
C ASN A 203 8.58 13.71 -17.84
N ILE A 204 8.12 12.47 -17.73
CA ILE A 204 7.60 11.95 -16.47
C ILE A 204 8.27 10.63 -16.20
N VAL A 205 8.83 10.49 -15.01
CA VAL A 205 9.39 9.22 -14.59
C VAL A 205 8.62 8.72 -13.37
N ILE A 206 8.30 7.43 -13.34
CA ILE A 206 7.67 6.82 -12.16
C ILE A 206 8.56 5.71 -11.65
N ALA A 207 8.82 5.69 -10.36
CA ALA A 207 9.90 4.83 -9.88
C ALA A 207 9.70 4.31 -8.46
N THR A 208 10.44 3.24 -8.16
CA THR A 208 10.65 2.82 -6.80
C THR A 208 12.05 3.29 -6.38
N PRO A 209 12.26 3.53 -5.09
CA PRO A 209 13.50 4.16 -4.61
C PRO A 209 14.78 3.44 -5.03
N GLY A 210 14.85 2.15 -4.76
CA GLY A 210 16.03 1.35 -5.11
C GLY A 210 16.52 1.56 -6.53
N ARG A 211 15.64 1.32 -7.50
CA ARG A 211 16.07 1.34 -8.92
C ARG A 211 16.31 2.78 -9.37
N LEU A 212 15.58 3.73 -8.79
CA LEU A 212 15.77 5.13 -9.13
C LEU A 212 17.15 5.63 -8.71
N ILE A 213 17.61 5.21 -7.54
CA ILE A 213 18.93 5.58 -7.05
C ILE A 213 19.98 4.99 -8.00
N ASP A 214 19.82 3.70 -8.32
CA ASP A 214 20.67 3.00 -9.28
C ASP A 214 20.86 3.82 -10.57
N VAL A 215 19.75 4.33 -11.11
CA VAL A 215 19.77 5.09 -12.35
C VAL A 215 20.33 6.49 -12.12
N LEU A 216 19.94 7.12 -11.01
CA LEU A 216 20.37 8.48 -10.73
C LEU A 216 21.88 8.58 -10.61
N GLU A 217 22.51 7.63 -9.93
CA GLU A 217 23.97 7.66 -9.76
C GLU A 217 24.74 7.60 -11.08
N LYS A 218 24.11 7.11 -12.14
CA LYS A 218 24.78 6.94 -13.44
C LYS A 218 24.30 7.87 -14.56
N TYR A 219 23.06 8.34 -14.48
CA TYR A 219 22.49 9.14 -15.58
C TYR A 219 21.70 10.36 -15.09
N SER A 220 21.98 10.85 -13.88
CA SER A 220 21.28 12.04 -13.40
C SER A 220 21.58 13.26 -14.29
N ASN A 221 22.79 13.33 -14.85
CA ASN A 221 23.15 14.44 -15.74
C ASN A 221 22.43 14.38 -17.07
N LYS A 222 22.21 13.18 -17.57
CA LYS A 222 21.64 13.00 -18.91
C LYS A 222 20.16 13.34 -18.96
N PHE A 223 19.41 12.93 -17.93
CA PHE A 223 17.95 13.10 -17.93
C PHE A 223 17.38 13.99 -16.83
N PHE A 224 18.10 14.20 -15.74
CA PHE A 224 17.45 14.73 -14.51
C PHE A 224 17.85 16.12 -14.02
N ARG A 225 18.47 16.94 -14.87
CA ARG A 225 18.90 18.28 -14.45
C ARG A 225 17.83 19.37 -14.50
N PHE A 226 16.61 19.03 -14.94
CA PHE A 226 15.57 20.03 -15.12
C PHE A 226 14.25 19.62 -14.48
N VAL A 227 14.34 18.77 -13.46
CA VAL A 227 13.17 18.30 -12.74
C VAL A 227 12.55 19.49 -12.00
N ASP A 228 11.24 19.65 -12.15
CA ASP A 228 10.50 20.70 -11.45
C ASP A 228 9.59 20.21 -10.33
N TYR A 229 9.14 18.96 -10.38
CA TYR A 229 8.25 18.40 -9.37
C TYR A 229 8.70 17.02 -8.96
N LYS A 230 8.74 16.73 -7.67
CA LYS A 230 8.88 15.35 -7.20
C LYS A 230 7.66 15.00 -6.35
N VAL A 231 7.07 13.83 -6.62
CA VAL A 231 5.89 13.37 -5.91
C VAL A 231 6.19 12.12 -5.08
N LEU A 232 5.89 12.19 -3.80
CA LEU A 232 5.93 11.02 -2.95
C LEU A 232 4.50 10.51 -2.73
N ASP A 233 4.13 9.45 -3.42
CA ASP A 233 2.85 8.79 -3.17
C ASP A 233 3.07 7.85 -1.99
N GLU A 234 2.02 7.66 -1.20
CA GLU A 234 2.16 6.99 0.09
C GLU A 234 3.32 7.62 0.85
N ALA A 235 3.29 8.95 0.98
CA ALA A 235 4.41 9.72 1.53
C ALA A 235 4.84 9.23 2.90
N ASP A 236 3.87 9.02 3.78
CA ASP A 236 4.14 8.59 5.16
C ASP A 236 4.99 7.33 5.23
N ARG A 237 4.78 6.40 4.30
CA ARG A 237 5.56 5.16 4.22
C ARG A 237 6.98 5.36 3.71
N LEU A 238 7.12 6.17 2.65
CA LEU A 238 8.43 6.52 2.12
C LEU A 238 9.31 7.31 3.11
N LEU A 239 8.70 7.83 4.17
CA LEU A 239 9.44 8.55 5.20
C LEU A 239 9.65 7.74 6.50
N GLU A 240 9.19 6.50 6.52
CA GLU A 240 9.49 5.57 7.62
C GLU A 240 10.93 5.10 7.46
N ILE A 241 11.57 4.69 8.56
CA ILE A 241 12.93 4.16 8.52
C ILE A 241 12.99 3.08 7.44
N GLY A 242 14.07 3.07 6.67
CA GLY A 242 14.21 2.11 5.57
C GLY A 242 13.96 2.72 4.20
N PHE A 243 12.99 3.65 4.09
CA PHE A 243 12.84 4.44 2.86
C PHE A 243 13.33 5.89 2.99
N ARG A 244 13.36 6.41 4.21
CA ARG A 244 13.65 7.81 4.42
C ARG A 244 15.03 8.20 3.92
N ASP A 245 16.03 7.35 4.20
CA ASP A 245 17.40 7.59 3.75
C ASP A 245 17.50 7.52 2.23
N ASP A 246 16.78 6.60 1.61
CA ASP A 246 16.74 6.48 0.15
C ASP A 246 16.11 7.72 -0.48
N LEU A 247 15.07 8.24 0.16
CA LEU A 247 14.39 9.43 -0.34
C LEU A 247 15.29 10.63 -0.21
N GLU A 248 16.03 10.70 0.90
CA GLU A 248 16.93 11.80 1.13
C GLU A 248 18.07 11.80 0.13
N THR A 249 18.55 10.61 -0.25
CA THR A 249 19.55 10.49 -1.29
C THR A 249 18.95 10.94 -2.63
N ILE A 250 17.76 10.44 -2.96
CA ILE A 250 17.10 10.81 -4.19
C ILE A 250 16.93 12.33 -4.28
N SER A 251 16.42 12.92 -3.20
CA SER A 251 16.16 14.35 -3.14
C SER A 251 17.44 15.17 -3.23
N GLY A 252 18.51 14.67 -2.59
CA GLY A 252 19.79 15.35 -2.59
C GLY A 252 20.43 15.38 -3.96
N ILE A 253 20.31 14.29 -4.70
CA ILE A 253 20.88 14.19 -6.03
C ILE A 253 20.15 15.13 -7.00
N LEU A 254 18.82 15.04 -7.02
CA LEU A 254 18.00 15.91 -7.85
C LEU A 254 18.23 17.38 -7.54
N ASN A 255 18.51 17.69 -6.27
CA ASN A 255 18.78 19.05 -5.88
C ASN A 255 20.16 19.52 -6.32
N GLU A 256 21.16 18.67 -6.18
CA GLU A 256 22.52 19.04 -6.58
C GLU A 256 22.61 19.26 -8.09
N LYS A 257 21.92 18.42 -8.85
CA LYS A 257 22.11 18.34 -10.30
C LYS A 257 21.20 19.29 -11.07
N ASN A 258 20.32 19.99 -10.38
CA ASN A 258 19.37 20.88 -11.02
C ASN A 258 20.09 22.10 -11.62
N SER A 259 19.71 22.47 -12.83
CA SER A 259 20.36 23.55 -13.56
C SER A 259 19.98 24.95 -13.13
N LYS A 260 18.83 25.12 -12.46
CA LYS A 260 18.41 26.45 -11.99
C LYS A 260 18.92 26.72 -10.57
N SER A 261 18.57 25.86 -9.62
CA SER A 261 19.01 26.03 -8.23
C SER A 261 18.76 24.77 -7.40
N ALA A 262 19.32 24.75 -6.19
CA ALA A 262 19.13 23.61 -5.28
C ALA A 262 17.73 23.58 -4.66
N ASP A 263 17.00 24.69 -4.73
CA ASP A 263 15.65 24.74 -4.18
C ASP A 263 14.55 24.86 -5.25
N ASN A 264 14.87 24.47 -6.49
CA ASN A 264 13.93 24.63 -7.59
C ASN A 264 12.73 23.69 -7.49
N ILE A 265 13.03 22.42 -7.23
CA ILE A 265 12.02 21.37 -7.19
C ILE A 265 10.96 21.62 -6.11
N LYS A 266 9.69 21.56 -6.51
CA LYS A 266 8.56 21.56 -5.58
C LYS A 266 8.26 20.11 -5.22
N THR A 267 7.80 19.88 -3.99
CA THR A 267 7.58 18.53 -3.48
C THR A 267 6.11 18.31 -3.12
N LEU A 268 5.58 17.18 -3.58
CA LEU A 268 4.18 16.83 -3.34
C LEU A 268 4.07 15.56 -2.51
N LEU A 269 3.48 15.65 -1.33
CA LEU A 269 3.28 14.48 -0.48
C LEU A 269 1.81 14.13 -0.46
N PHE A 270 1.50 12.87 -0.74
CA PHE A 270 0.14 12.38 -0.77
C PHE A 270 0.02 11.09 0.02
N SER A 271 -1.02 11.00 0.84
CA SER A 271 -1.36 9.76 1.52
C SER A 271 -2.73 9.82 2.16
N ALA A 272 -3.28 8.65 2.49
CA ALA A 272 -4.51 8.58 3.28
C ALA A 272 -4.22 8.70 4.78
N THR A 273 -2.95 8.55 5.16
CA THR A 273 -2.56 8.67 6.56
C THR A 273 -1.35 9.57 6.72
N LEU A 274 -1.59 10.82 7.10
CA LEU A 274 -0.52 11.73 7.50
C LEU A 274 -1.04 12.88 8.35
N ASP A 275 -0.14 13.43 9.16
CA ASP A 275 -0.43 14.57 10.04
C ASP A 275 0.72 15.59 9.95
N ASP A 276 0.75 16.55 10.88
CA ASP A 276 1.86 17.51 10.96
C ASP A 276 3.20 16.82 11.27
N LYS A 277 3.14 15.70 12.00
CA LYS A 277 4.31 14.91 12.32
C LYS A 277 5.16 14.56 11.09
N VAL A 278 4.51 14.34 9.94
CA VAL A 278 5.21 13.98 8.69
C VAL A 278 5.91 15.17 8.03
N GLN A 279 5.46 16.39 8.34
CA GLN A 279 6.11 17.61 7.87
C GLN A 279 7.48 17.78 8.53
N LYS A 280 7.66 17.20 9.71
CA LYS A 280 8.96 17.18 10.37
C LYS A 280 9.89 16.16 9.69
N LEU A 281 9.35 14.99 9.37
CA LEU A 281 10.15 13.93 8.74
C LEU A 281 10.57 14.25 7.31
N ALA A 282 9.75 15.04 6.61
CA ALA A 282 10.07 15.45 5.23
C ALA A 282 11.02 16.64 5.20
N ASN A 283 11.31 17.22 6.35
CA ASN A 283 12.13 18.44 6.47
C ASN A 283 13.35 18.50 5.55
N ASN A 284 14.13 17.42 5.51
CA ASN A 284 15.36 17.40 4.71
C ASN A 284 15.14 17.26 3.20
N ILE A 285 13.90 17.06 2.76
CA ILE A 285 13.59 16.95 1.33
C ILE A 285 12.63 18.03 0.80
N MET A 286 12.24 18.98 1.66
CA MET A 286 11.33 20.06 1.27
C MET A 286 12.12 21.36 1.14
N ASN A 287 12.16 21.91 -0.07
CA ASN A 287 12.99 23.08 -0.39
C ASN A 287 12.35 24.42 -0.07
N LYS A 288 11.06 24.54 -0.32
CA LYS A 288 10.37 25.84 -0.30
C LYS A 288 10.11 26.36 1.10
N LYS A 289 9.82 27.65 1.20
CA LYS A 289 9.63 28.32 2.49
C LYS A 289 8.20 28.13 3.01
N GLU A 290 7.25 27.93 2.11
CA GLU A 290 5.86 27.61 2.47
C GLU A 290 5.55 26.14 2.18
N CYS A 291 4.64 25.57 2.97
CA CYS A 291 4.07 24.26 2.68
C CYS A 291 2.57 24.28 2.95
N LEU A 292 1.79 24.19 1.87
CA LEU A 292 0.34 24.07 2.00
C LEU A 292 -0.02 22.67 2.49
N PHE A 293 -0.88 22.59 3.50
CA PHE A 293 -1.45 21.31 3.93
C PHE A 293 -2.90 21.26 3.49
N LEU A 294 -3.16 20.55 2.39
CA LEU A 294 -4.53 20.48 1.85
C LEU A 294 -5.25 19.25 2.37
N ASP A 295 -6.20 19.44 3.28
CA ASP A 295 -6.84 18.30 3.97
C ASP A 295 -8.32 18.13 3.58
N THR A 296 -8.70 16.93 3.16
CA THR A 296 -10.10 16.61 2.83
C THR A 296 -10.76 15.78 3.93
N VAL A 297 -9.98 15.42 4.94
CA VAL A 297 -10.47 14.71 6.12
C VAL A 297 -10.39 15.70 7.30
N ASP A 298 -11.33 15.62 8.24
CA ASP A 298 -11.32 16.52 9.42
C ASP A 298 -10.15 16.21 10.34
N LYS A 299 -9.74 17.19 11.15
CA LYS A 299 -8.62 17.04 12.07
C LYS A 299 -8.74 15.78 12.94
N ASN A 300 -9.91 15.58 13.53
CA ASN A 300 -10.18 14.43 14.42
C ASN A 300 -10.86 13.22 13.74
N GLU A 301 -11.57 13.46 12.64
CA GLU A 301 -12.28 12.40 11.92
C GLU A 301 -11.33 11.23 11.63
N PRO A 302 -11.79 10.00 11.87
CA PRO A 302 -10.90 8.87 11.65
C PRO A 302 -10.56 8.71 10.17
N GLU A 303 -9.33 8.26 9.89
CA GLU A 303 -8.81 8.21 8.52
C GLU A 303 -9.45 7.11 7.68
N ALA A 304 -9.85 6.02 8.32
CA ALA A 304 -10.57 4.94 7.66
C ALA A 304 -11.80 5.47 6.89
N HIS A 305 -12.08 4.85 5.75
CA HIS A 305 -13.20 5.25 4.91
C HIS A 305 -14.50 4.80 5.56
N GLU A 306 -15.40 5.75 5.75
CA GLU A 306 -16.63 5.55 6.54
C GLU A 306 -17.61 4.54 5.92
N ARG A 307 -17.59 4.43 4.59
CA ARG A 307 -18.52 3.55 3.89
C ARG A 307 -18.15 2.07 4.08
N ILE A 308 -16.90 1.78 4.44
CA ILE A 308 -16.47 0.41 4.70
C ILE A 308 -17.12 -0.13 5.98
N ASP A 309 -17.84 -1.24 5.87
CA ASP A 309 -18.51 -1.89 6.99
C ASP A 309 -17.51 -2.81 7.71
N GLN A 310 -16.94 -2.33 8.81
CA GLN A 310 -15.85 -3.02 9.51
C GLN A 310 -16.36 -3.99 10.57
N SER A 311 -15.64 -5.11 10.74
CA SER A 311 -15.92 -6.06 11.81
C SER A 311 -14.65 -6.83 12.17
N VAL A 312 -14.58 -7.31 13.42
CA VAL A 312 -13.45 -8.13 13.87
C VAL A 312 -13.96 -9.42 14.52
N VAL A 313 -13.29 -10.52 14.21
CA VAL A 313 -13.67 -11.84 14.69
C VAL A 313 -12.53 -12.36 15.56
N ILE A 314 -12.80 -12.47 16.87
CA ILE A 314 -11.77 -12.76 17.87
C ILE A 314 -11.73 -14.25 18.23
N SER A 315 -10.67 -14.94 17.81
CA SER A 315 -10.49 -16.34 18.14
C SER A 315 -9.74 -16.47 19.46
N GLU A 316 -9.67 -17.68 20.00
CA GLU A 316 -8.97 -17.92 21.27
C GLU A 316 -7.49 -18.21 21.00
N LYS A 317 -7.20 -18.79 19.83
CA LYS A 317 -5.83 -19.00 19.38
C LYS A 317 -5.58 -18.32 18.03
N PHE A 318 -4.30 -18.11 17.70
CA PHE A 318 -3.95 -17.49 16.42
C PHE A 318 -4.36 -18.37 15.24
N ALA A 319 -3.95 -19.64 15.27
CA ALA A 319 -4.29 -20.61 14.24
C ALA A 319 -5.79 -20.71 13.95
N ASN A 320 -6.62 -20.53 14.97
CA ASN A 320 -8.07 -20.54 14.79
C ASN A 320 -8.56 -19.53 13.74
N SER A 321 -7.84 -18.43 13.56
CA SER A 321 -8.17 -17.44 12.54
C SER A 321 -8.08 -17.98 11.10
N ILE A 322 -7.25 -19.00 10.89
CA ILE A 322 -7.22 -19.69 9.60
C ILE A 322 -8.56 -20.37 9.32
N PHE A 323 -9.14 -20.99 10.35
CA PHE A 323 -10.37 -21.76 10.18
C PHE A 323 -11.55 -20.81 10.08
N ALA A 324 -11.55 -19.78 10.91
CA ALA A 324 -12.55 -18.71 10.80
C ALA A 324 -12.61 -18.17 9.37
N ALA A 325 -11.45 -17.85 8.80
CA ALA A 325 -11.38 -17.26 7.46
C ALA A 325 -11.90 -18.21 6.41
N VAL A 326 -11.55 -19.49 6.53
CA VAL A 326 -12.04 -20.50 5.60
C VAL A 326 -13.56 -20.61 5.66
N GLU A 327 -14.11 -20.66 6.86
CA GLU A 327 -15.57 -20.81 6.99
C GLU A 327 -16.27 -19.58 6.44
N HIS A 328 -15.66 -18.42 6.60
CA HIS A 328 -16.22 -17.16 6.11
C HIS A 328 -16.29 -17.14 4.58
N ILE A 329 -15.15 -17.39 3.94
CA ILE A 329 -15.06 -17.43 2.48
C ILE A 329 -16.03 -18.47 1.93
N LYS A 330 -16.10 -19.63 2.59
CA LYS A 330 -17.06 -20.67 2.24
C LYS A 330 -18.50 -20.14 2.26
N LYS A 331 -18.85 -19.37 3.28
CA LYS A 331 -20.19 -18.81 3.43
C LYS A 331 -20.49 -17.72 2.40
N GLN A 332 -19.47 -16.98 1.98
CA GLN A 332 -19.65 -15.93 0.98
C GLN A 332 -19.86 -16.50 -0.41
N ILE A 333 -19.10 -17.53 -0.76
CA ILE A 333 -19.23 -18.23 -2.02
C ILE A 333 -20.63 -18.82 -2.22
N LYS A 334 -21.17 -19.44 -1.17
CA LYS A 334 -22.52 -19.97 -1.23
C LYS A 334 -23.55 -18.86 -1.37
N GLU A 335 -23.42 -17.80 -0.56
CA GLU A 335 -24.43 -16.75 -0.49
C GLU A 335 -24.45 -15.86 -1.72
N ARG A 336 -23.28 -15.58 -2.27
CA ARG A 336 -23.17 -14.77 -3.47
C ARG A 336 -23.08 -15.61 -4.76
N ASP A 337 -23.33 -16.92 -4.67
CA ASP A 337 -23.25 -17.82 -5.84
C ASP A 337 -21.94 -17.60 -6.61
N SER A 338 -20.84 -17.61 -5.87
CA SER A 338 -19.49 -17.42 -6.42
C SER A 338 -19.18 -16.03 -7.04
N ASN A 339 -20.10 -15.08 -6.91
CA ASN A 339 -19.89 -13.70 -7.34
C ASN A 339 -19.18 -12.95 -6.21
N TYR A 340 -17.92 -13.28 -5.98
CA TYR A 340 -17.20 -12.81 -4.80
C TYR A 340 -15.78 -12.45 -5.17
N LYS A 341 -15.41 -11.20 -4.91
CA LYS A 341 -14.06 -10.70 -5.15
C LYS A 341 -13.52 -10.22 -3.81
N ALA A 342 -12.43 -10.81 -3.36
CA ALA A 342 -11.91 -10.52 -2.02
C ALA A 342 -10.40 -10.50 -2.00
N ILE A 343 -9.85 -9.68 -1.12
CA ILE A 343 -8.43 -9.65 -0.85
C ILE A 343 -8.23 -10.11 0.59
N ILE A 344 -7.38 -11.11 0.76
CA ILE A 344 -7.02 -11.58 2.09
C ILE A 344 -5.54 -11.32 2.35
N PHE A 345 -5.26 -10.55 3.40
CA PHE A 345 -3.88 -10.24 3.81
C PHE A 345 -3.32 -11.21 4.87
N ALA A 346 -2.02 -11.47 4.80
CA ALA A 346 -1.32 -12.28 5.80
C ALA A 346 0.04 -11.63 6.13
N PRO A 347 0.60 -11.93 7.33
CA PRO A 347 1.79 -11.22 7.85
C PRO A 347 3.12 -11.45 7.13
N THR A 348 3.30 -12.62 6.53
CA THR A 348 4.59 -12.99 5.97
C THR A 348 4.49 -13.72 4.63
N VAL A 349 5.56 -13.66 3.86
CA VAL A 349 5.63 -14.35 2.58
C VAL A 349 5.35 -15.84 2.74
N LYS A 350 6.01 -16.47 3.70
CA LYS A 350 5.85 -17.90 3.92
C LYS A 350 4.45 -18.29 4.37
N PHE A 351 3.84 -17.46 5.23
CA PHE A 351 2.49 -17.76 5.69
C PHE A 351 1.47 -17.50 4.60
N THR A 352 1.70 -16.45 3.81
CA THR A 352 0.88 -16.15 2.64
C THR A 352 0.85 -17.33 1.70
N SER A 353 2.02 -17.91 1.42
CA SER A 353 2.16 -19.06 0.52
C SER A 353 1.37 -20.26 1.06
N PHE A 354 1.55 -20.54 2.34
CA PHE A 354 0.80 -21.56 3.06
C PHE A 354 -0.70 -21.31 2.98
N LEU A 355 -1.10 -20.06 3.15
CA LEU A 355 -2.52 -19.70 3.14
C LEU A 355 -3.13 -20.00 1.76
N CYS A 356 -2.37 -19.74 0.70
CA CYS A 356 -2.83 -20.05 -0.65
C CYS A 356 -3.07 -21.52 -0.87
N SER A 357 -2.14 -22.36 -0.41
CA SER A 357 -2.33 -23.81 -0.43
C SER A 357 -3.68 -24.22 0.16
N ILE A 358 -3.98 -23.73 1.36
CA ILE A 358 -5.25 -24.02 2.01
C ILE A 358 -6.40 -23.58 1.12
N LEU A 359 -6.39 -22.30 0.73
CA LEU A 359 -7.50 -21.70 0.00
C LEU A 359 -7.67 -22.33 -1.38
N LYS A 360 -6.56 -22.69 -2.03
CA LYS A 360 -6.63 -23.45 -3.28
C LYS A 360 -7.40 -24.75 -3.05
N ASN A 361 -6.93 -25.56 -2.10
CA ASN A 361 -7.56 -26.84 -1.80
C ASN A 361 -9.06 -26.72 -1.51
N GLU A 362 -9.44 -25.71 -0.73
CA GLU A 362 -10.83 -25.49 -0.40
C GLU A 362 -11.65 -24.88 -1.54
N PHE A 363 -11.07 -23.91 -2.25
CA PHE A 363 -11.87 -22.98 -3.05
C PHE A 363 -11.54 -22.84 -4.54
N LYS A 364 -10.48 -23.49 -5.00
CA LYS A 364 -10.08 -23.38 -6.39
C LYS A 364 -11.23 -23.75 -7.34
N LYS A 365 -12.03 -24.74 -6.94
CA LYS A 365 -13.17 -25.18 -7.75
C LYS A 365 -14.26 -24.10 -7.85
N ASP A 366 -14.34 -23.21 -6.87
CA ASP A 366 -15.31 -22.11 -6.88
C ASP A 366 -14.75 -20.82 -7.48
N LEU A 367 -13.43 -20.63 -7.40
CA LEU A 367 -12.83 -19.32 -7.66
C LEU A 367 -11.33 -19.42 -7.94
N PRO A 368 -10.79 -18.45 -8.68
CA PRO A 368 -9.34 -18.35 -8.79
C PRO A 368 -8.73 -17.81 -7.49
N ILE A 369 -7.59 -18.39 -7.11
CA ILE A 369 -6.83 -17.99 -5.93
C ILE A 369 -5.47 -17.51 -6.41
N LEU A 370 -5.19 -16.23 -6.21
CA LEU A 370 -3.92 -15.63 -6.68
C LEU A 370 -2.95 -15.36 -5.51
N GLU A 371 -1.70 -15.76 -5.69
CA GLU A 371 -0.66 -15.55 -4.67
C GLU A 371 0.22 -14.33 -5.02
N PHE A 372 0.18 -13.32 -4.17
CA PHE A 372 0.82 -12.03 -4.44
C PHE A 372 1.74 -11.63 -3.28
N HIS A 373 3.05 -11.68 -3.51
CA HIS A 373 4.02 -11.17 -2.53
C HIS A 373 5.36 -10.91 -3.18
N GLY A 374 6.27 -10.34 -2.41
CA GLY A 374 7.58 -9.91 -2.92
C GLY A 374 8.51 -11.00 -3.39
N LYS A 375 8.20 -12.26 -3.13
CA LYS A 375 9.00 -13.37 -3.68
C LYS A 375 8.38 -13.98 -4.93
N ILE A 376 7.22 -13.51 -5.34
CA ILE A 376 6.70 -13.81 -6.67
C ILE A 376 7.51 -13.00 -7.66
N THR A 377 8.03 -13.62 -8.71
CA THR A 377 8.83 -12.92 -9.71
C THR A 377 8.03 -11.76 -10.28
N GLN A 378 8.74 -10.74 -10.73
CA GLN A 378 8.13 -9.48 -11.17
C GLN A 378 7.21 -9.62 -12.39
N ASN A 379 7.54 -10.51 -13.31
CA ASN A 379 6.64 -10.80 -14.43
C ASN A 379 5.26 -11.25 -13.98
N LYS A 380 5.22 -12.16 -12.99
CA LYS A 380 3.96 -12.72 -12.52
C LYS A 380 3.18 -11.75 -11.65
N ARG A 381 3.91 -11.00 -10.84
CA ARG A 381 3.30 -9.90 -10.07
C ARG A 381 2.50 -8.95 -10.97
N THR A 382 3.10 -8.57 -12.10
CA THR A 382 2.45 -7.65 -13.04
C THR A 382 1.23 -8.28 -13.70
N SER A 383 1.38 -9.51 -14.17
CA SER A 383 0.29 -10.17 -14.88
C SER A 383 -0.90 -10.47 -13.98
N LEU A 384 -0.63 -10.90 -12.75
CA LEU A 384 -1.71 -11.21 -11.82
C LEU A 384 -2.40 -9.96 -11.29
N VAL A 385 -1.68 -8.85 -11.23
CA VAL A 385 -2.29 -7.55 -10.93
C VAL A 385 -3.20 -7.15 -12.08
N LYS A 386 -2.75 -7.43 -13.30
CA LYS A 386 -3.52 -7.15 -14.50
C LYS A 386 -4.81 -7.96 -14.53
N ARG A 387 -4.74 -9.22 -14.12
CA ARG A 387 -5.91 -10.10 -14.07
C ARG A 387 -6.91 -9.70 -12.98
N PHE A 388 -6.41 -9.43 -11.77
CA PHE A 388 -7.31 -9.20 -10.65
C PHE A 388 -7.94 -7.84 -10.76
N LYS A 389 -7.31 -6.94 -11.50
CA LYS A 389 -7.94 -5.69 -11.89
C LYS A 389 -9.16 -5.96 -12.77
N LYS A 390 -9.03 -6.88 -13.73
CA LYS A 390 -10.10 -7.19 -14.69
C LYS A 390 -11.20 -8.09 -14.12
N ASP A 391 -10.81 -9.16 -13.42
CA ASP A 391 -11.76 -10.18 -12.98
C ASP A 391 -12.90 -9.68 -12.10
N GLU A 392 -14.06 -10.31 -12.30
CA GLU A 392 -15.28 -9.99 -11.57
C GLU A 392 -15.29 -10.63 -10.18
N SER A 393 -14.47 -11.66 -10.01
CA SER A 393 -14.47 -12.49 -8.84
C SER A 393 -13.11 -13.10 -8.65
N GLY A 394 -12.82 -13.53 -7.43
CA GLY A 394 -11.56 -14.20 -7.13
C GLY A 394 -11.01 -13.77 -5.79
N ILE A 395 -10.02 -14.53 -5.30
CA ILE A 395 -9.35 -14.21 -4.06
C ILE A 395 -7.89 -13.94 -4.30
N LEU A 396 -7.47 -12.72 -3.97
CA LEU A 396 -6.07 -12.35 -4.00
C LEU A 396 -5.53 -12.50 -2.56
N VAL A 397 -4.50 -13.31 -2.43
CA VAL A 397 -3.88 -13.58 -1.14
C VAL A 397 -2.52 -12.93 -1.14
N CYS A 398 -2.31 -11.97 -0.25
CA CYS A 398 -1.08 -11.19 -0.28
C CYS A 398 -0.57 -10.70 1.06
N THR A 399 0.67 -10.25 1.05
CA THR A 399 1.25 -9.50 2.16
C THR A 399 0.93 -8.04 1.97
N ASP A 400 1.49 -7.20 2.84
CA ASP A 400 1.36 -5.75 2.74
C ASP A 400 2.02 -5.09 1.53
N VAL A 401 2.62 -5.88 0.64
CA VAL A 401 3.00 -5.38 -0.67
C VAL A 401 1.80 -4.78 -1.42
N GLY A 402 0.62 -5.35 -1.23
CA GLY A 402 -0.62 -4.86 -1.83
C GLY A 402 -1.52 -4.11 -0.85
N ALA A 403 -0.95 -3.62 0.25
CA ALA A 403 -1.74 -2.89 1.26
C ALA A 403 -2.04 -1.47 0.81
N ARG A 404 -1.09 -0.83 0.14
CA ARG A 404 -1.15 0.57 -0.20
C ARG A 404 -1.33 0.81 -1.69
N GLY A 405 -2.30 1.65 -2.04
CA GLY A 405 -2.40 2.21 -3.38
C GLY A 405 -3.08 1.38 -4.45
N MET A 406 -2.85 0.07 -4.43
CA MET A 406 -3.40 -0.81 -5.46
C MET A 406 -4.91 -0.62 -5.62
N ASP A 407 -5.31 -0.47 -6.87
CA ASP A 407 -6.69 -0.16 -7.22
C ASP A 407 -7.22 -1.34 -8.02
N PHE A 408 -8.00 -2.18 -7.34
CA PHE A 408 -8.61 -3.34 -7.93
C PHE A 408 -10.11 -3.07 -7.86
N PRO A 409 -10.75 -2.82 -9.01
CA PRO A 409 -12.17 -2.41 -8.96
C PRO A 409 -13.11 -3.45 -8.34
N ASN A 410 -14.10 -2.96 -7.60
CA ASN A 410 -15.22 -3.75 -7.14
C ASN A 410 -14.77 -4.99 -6.35
N VAL A 411 -13.88 -4.74 -5.40
CA VAL A 411 -13.53 -5.74 -4.40
C VAL A 411 -14.66 -5.68 -3.37
N HIS A 412 -15.25 -6.83 -3.04
CA HIS A 412 -16.36 -6.85 -2.11
C HIS A 412 -15.87 -6.77 -0.67
N GLU A 413 -14.80 -7.51 -0.36
CA GLU A 413 -14.33 -7.66 1.01
C GLU A 413 -12.82 -7.68 1.11
N VAL A 414 -12.32 -7.08 2.18
CA VAL A 414 -10.93 -7.23 2.57
C VAL A 414 -10.92 -8.07 3.85
N LEU A 415 -10.19 -9.18 3.83
CA LEU A 415 -10.02 -10.00 5.02
C LEU A 415 -8.58 -9.90 5.51
N GLN A 416 -8.40 -9.97 6.83
CA GLN A 416 -7.08 -9.97 7.43
C GLN A 416 -6.94 -11.11 8.42
N ILE A 417 -5.96 -11.97 8.19
CA ILE A 417 -5.52 -12.92 9.19
C ILE A 417 -4.27 -12.34 9.83
N GLY A 418 -4.44 -11.79 11.03
CA GLY A 418 -3.33 -11.21 11.77
C GLY A 418 -3.34 -9.70 11.70
N VAL A 419 -2.30 -9.10 12.28
CA VAL A 419 -2.13 -7.67 12.28
C VAL A 419 -1.31 -7.24 11.08
N PRO A 420 -1.43 -5.97 10.68
CA PRO A 420 -0.59 -5.49 9.60
C PRO A 420 0.83 -5.20 10.06
N SER A 421 1.72 -4.98 9.09
CA SER A 421 3.12 -4.68 9.36
C SER A 421 3.34 -3.31 10.01
N GLU A 422 2.33 -2.45 9.99
CA GLU A 422 2.33 -1.19 10.76
C GLU A 422 0.89 -0.71 10.98
N LEU A 423 0.68 0.09 12.02
CA LEU A 423 -0.68 0.51 12.41
C LEU A 423 -1.43 1.20 11.29
N ALA A 424 -0.78 2.13 10.58
CA ALA A 424 -1.44 2.86 9.50
C ALA A 424 -2.03 1.91 8.45
N ASN A 425 -1.34 0.79 8.22
CA ASN A 425 -1.73 -0.15 7.16
C ASN A 425 -3.07 -0.84 7.41
N TYR A 426 -3.59 -0.81 8.63
CA TYR A 426 -4.95 -1.28 8.83
C TYR A 426 -5.85 -0.50 7.87
N ILE A 427 -5.72 0.82 7.92
CA ILE A 427 -6.51 1.73 7.11
C ILE A 427 -6.38 1.50 5.59
N HIS A 428 -5.16 1.25 5.15
CA HIS A 428 -4.90 1.09 3.73
C HIS A 428 -5.37 -0.28 3.22
N ARG A 429 -5.10 -1.33 3.99
CA ARG A 429 -5.62 -2.66 3.72
C ARG A 429 -7.11 -2.65 3.40
N ILE A 430 -7.93 -2.15 4.32
CA ILE A 430 -9.38 -2.15 4.15
C ILE A 430 -9.79 -1.19 3.02
N GLY A 431 -8.91 -0.24 2.71
CA GLY A 431 -9.10 0.68 1.61
C GLY A 431 -8.97 0.10 0.22
N ARG A 432 -8.61 -1.17 0.10
CA ARG A 432 -8.62 -1.84 -1.21
C ARG A 432 -10.05 -2.10 -1.69
N THR A 433 -11.01 -2.04 -0.78
CA THR A 433 -12.43 -2.10 -1.11
C THR A 433 -13.08 -0.75 -0.79
N ALA A 434 -14.30 -0.55 -1.29
CA ALA A 434 -15.06 0.70 -1.10
C ALA A 434 -14.43 1.89 -1.82
N ARG A 435 -14.03 1.68 -3.06
CA ARG A 435 -13.32 2.68 -3.85
C ARG A 435 -14.23 3.36 -4.89
N SER A 436 -14.00 4.65 -5.13
CA SER A 436 -14.81 5.49 -6.02
C SER A 436 -16.30 5.24 -5.90
N GLY A 437 -16.85 5.61 -4.75
CA GLY A 437 -18.30 5.55 -4.54
C GLY A 437 -18.89 4.19 -4.19
N LYS A 438 -18.13 3.11 -4.42
CA LYS A 438 -18.65 1.75 -4.22
C LYS A 438 -18.69 1.29 -2.75
N GLU A 439 -19.42 0.20 -2.53
CA GLU A 439 -19.59 -0.39 -1.20
C GLU A 439 -18.44 -1.33 -0.88
N GLY A 440 -18.33 -1.73 0.37
CA GLY A 440 -17.31 -2.69 0.78
C GLY A 440 -17.38 -3.07 2.25
N SER A 441 -16.90 -4.27 2.57
CA SER A 441 -16.84 -4.75 3.94
C SER A 441 -15.41 -5.19 4.28
N SER A 442 -15.09 -5.21 5.57
CA SER A 442 -13.82 -5.78 6.03
C SER A 442 -13.99 -6.57 7.32
N VAL A 443 -13.24 -7.66 7.45
CA VAL A 443 -13.22 -8.49 8.64
C VAL A 443 -11.78 -8.73 9.05
N LEU A 444 -11.48 -8.36 10.29
CA LEU A 444 -10.17 -8.63 10.90
C LEU A 444 -10.25 -9.91 11.76
N PHE A 445 -9.51 -10.95 11.36
CA PHE A 445 -9.45 -12.21 12.09
C PHE A 445 -8.21 -12.23 12.98
N ILE A 446 -8.42 -12.11 14.30
CA ILE A 446 -7.32 -12.10 15.27
C ILE A 446 -7.60 -13.04 16.43
N CYS A 447 -6.59 -13.28 17.26
CA CYS A 447 -6.77 -14.02 18.50
C CYS A 447 -6.81 -13.09 19.69
N LYS A 448 -7.30 -13.59 20.83
CA LYS A 448 -7.35 -12.83 22.08
C LYS A 448 -6.09 -12.02 22.36
N ASP A 449 -4.93 -12.64 22.17
CA ASP A 449 -3.65 -12.01 22.51
C ASP A 449 -3.23 -10.88 21.57
N GLU A 450 -3.95 -10.71 20.46
CA GLU A 450 -3.74 -9.60 19.54
C GLU A 450 -4.69 -8.42 19.80
N LEU A 451 -5.57 -8.53 20.79
CA LEU A 451 -6.54 -7.47 21.08
C LEU A 451 -5.92 -6.09 21.38
N PRO A 452 -4.71 -6.06 21.97
CA PRO A 452 -4.10 -4.74 22.20
C PRO A 452 -3.98 -3.89 20.94
N PHE A 453 -3.81 -4.54 19.80
CA PHE A 453 -3.80 -3.89 18.49
C PHE A 453 -5.11 -3.18 18.22
N VAL A 454 -6.22 -3.88 18.48
CA VAL A 454 -7.54 -3.30 18.30
C VAL A 454 -7.70 -2.08 19.20
N ARG A 455 -7.27 -2.18 20.45
CA ARG A 455 -7.31 -1.04 21.38
C ARG A 455 -6.46 0.13 20.90
N GLU A 456 -5.27 -0.16 20.40
CA GLU A 456 -4.38 0.89 19.89
C GLU A 456 -4.98 1.63 18.68
N LEU A 457 -5.76 0.94 17.87
CA LEU A 457 -6.53 1.58 16.78
C LEU A 457 -7.47 2.68 17.30
N GLU A 458 -8.08 2.45 18.45
CA GLU A 458 -8.93 3.46 19.10
C GLU A 458 -8.08 4.61 19.65
N ASP A 459 -7.05 4.24 20.41
CA ASP A 459 -6.20 5.22 21.10
C ASP A 459 -5.40 6.10 20.13
N ALA A 460 -4.72 5.49 19.18
CA ALA A 460 -3.78 6.20 18.30
C ALA A 460 -4.41 6.75 17.01
N LYS A 461 -5.47 6.09 16.52
CA LYS A 461 -6.10 6.49 15.25
C LYS A 461 -7.61 6.81 15.32
N ASN A 462 -8.23 6.62 16.48
CA ASN A 462 -9.65 6.94 16.64
C ASN A 462 -10.56 6.01 15.80
N ILE A 463 -10.10 4.78 15.57
CA ILE A 463 -10.86 3.81 14.79
C ILE A 463 -11.53 2.79 15.70
N VAL A 464 -12.86 2.82 15.71
CA VAL A 464 -13.67 2.02 16.62
C VAL A 464 -14.50 1.02 15.83
N ILE A 465 -14.03 -0.23 15.77
CA ILE A 465 -14.71 -1.30 15.06
C ILE A 465 -15.96 -1.70 15.84
N ALA A 466 -17.14 -1.43 15.27
CA ALA A 466 -18.41 -1.73 15.90
C ALA A 466 -18.63 -3.23 16.04
N LYS A 467 -18.68 -3.92 14.90
CA LYS A 467 -19.00 -5.35 14.88
C LYS A 467 -17.86 -6.23 15.41
N GLN A 468 -18.09 -6.88 16.54
CA GLN A 468 -17.14 -7.82 17.11
C GLN A 468 -17.85 -9.12 17.46
N GLU A 469 -17.15 -10.23 17.36
CA GLU A 469 -17.72 -11.52 17.73
C GLU A 469 -16.64 -12.54 17.98
N LYS A 470 -16.97 -13.56 18.79
CA LYS A 470 -16.04 -14.63 19.13
C LYS A 470 -16.13 -15.72 18.07
N TYR A 471 -15.12 -16.58 18.02
CA TYR A 471 -15.15 -17.73 17.10
C TYR A 471 -14.46 -18.94 17.72
N GLU A 472 -15.05 -20.12 17.52
CA GLU A 472 -14.42 -21.36 17.92
C GLU A 472 -14.59 -22.42 16.82
N PRO A 473 -13.48 -22.99 16.33
CA PRO A 473 -13.59 -23.98 15.25
C PRO A 473 -14.20 -25.32 15.68
N SER A 474 -15.05 -25.88 14.83
CA SER A 474 -15.52 -27.25 14.99
C SER A 474 -14.39 -28.22 14.64
N GLU A 475 -14.49 -29.45 15.13
CA GLU A 475 -13.49 -30.47 14.83
C GLU A 475 -13.47 -30.82 13.33
N GLU A 476 -14.62 -30.68 12.67
CA GLU A 476 -14.76 -31.05 11.27
C GLU A 476 -13.97 -30.09 10.37
N ILE A 477 -14.09 -28.79 10.64
CA ILE A 477 -13.34 -27.80 9.86
C ILE A 477 -11.84 -27.96 10.06
N LYS A 478 -11.44 -28.25 11.30
CA LYS A 478 -10.04 -28.52 11.60
C LYS A 478 -9.55 -29.73 10.81
N SER A 479 -10.36 -30.78 10.74
CA SER A 479 -10.00 -31.97 9.98
C SER A 479 -9.93 -31.67 8.49
N GLU A 480 -10.95 -31.02 7.97
CA GLU A 480 -11.02 -30.66 6.55
C GLU A 480 -9.81 -29.86 6.09
N VAL A 481 -9.44 -28.85 6.87
CA VAL A 481 -8.30 -28.01 6.53
C VAL A 481 -6.96 -28.72 6.73
N LEU A 482 -6.76 -29.33 7.90
CA LEU A 482 -5.45 -29.91 8.26
C LEU A 482 -5.07 -31.17 7.48
N GLU A 483 -6.06 -31.94 7.03
CA GLU A 483 -5.78 -33.19 6.33
C GLU A 483 -5.36 -32.93 4.88
N ALA A 484 -5.84 -31.82 4.32
CA ALA A 484 -5.48 -31.40 2.97
C ALA A 484 -4.06 -30.79 2.89
N VAL A 485 -3.57 -30.26 4.01
CA VAL A 485 -2.22 -29.72 4.09
C VAL A 485 -1.16 -30.75 3.67
N THR A 486 -0.28 -30.37 2.75
CA THR A 486 0.76 -31.27 2.25
C THR A 486 2.16 -30.93 2.75
N GLU A 487 2.27 -29.86 3.55
CA GLU A 487 3.57 -29.38 4.02
C GLU A 487 4.16 -30.29 5.09
N GLU A 488 5.46 -30.59 4.96
CA GLU A 488 6.20 -31.36 5.95
C GLU A 488 6.38 -30.52 7.22
N PRO A 489 6.68 -31.19 8.36
CA PRO A 489 6.90 -30.43 9.60
C PRO A 489 8.02 -29.40 9.50
N GLU A 490 9.05 -29.69 8.69
CA GLU A 490 10.13 -28.73 8.41
C GLU A 490 9.57 -27.45 7.78
N ASP A 491 8.68 -27.60 6.80
CA ASP A 491 8.04 -26.46 6.16
C ASP A 491 7.20 -25.67 7.14
N ILE A 492 6.45 -26.38 7.99
CA ILE A 492 5.56 -25.77 8.97
C ILE A 492 6.35 -24.97 10.02
N SER A 493 7.51 -25.49 10.40
CA SER A 493 8.40 -24.76 11.32
C SER A 493 8.86 -23.42 10.72
N ASP A 494 9.38 -23.45 9.49
CA ASP A 494 9.82 -22.23 8.81
C ASP A 494 8.71 -21.16 8.78
N ILE A 495 7.48 -21.59 8.50
CA ILE A 495 6.33 -20.70 8.45
C ILE A 495 6.02 -20.05 9.80
N VAL A 496 5.96 -20.87 10.85
CA VAL A 496 5.65 -20.38 12.19
C VAL A 496 6.79 -19.50 12.69
N ILE A 497 8.02 -19.92 12.40
CA ILE A 497 9.18 -19.14 12.78
C ILE A 497 9.13 -17.74 12.14
N SER A 498 8.79 -17.67 10.85
CA SER A 498 8.62 -16.37 10.20
C SER A 498 7.56 -15.52 10.92
N LEU A 499 6.51 -16.15 11.44
CA LEU A 499 5.48 -15.45 12.22
C LEU A 499 5.95 -14.94 13.57
N ILE A 500 6.80 -15.71 14.26
CA ILE A 500 7.36 -15.27 15.54
C ILE A 500 8.16 -13.97 15.31
N SER A 501 9.05 -14.00 14.32
CA SER A 501 9.83 -12.82 13.94
C SER A 501 8.93 -11.64 13.62
N SER A 502 7.91 -11.88 12.78
CA SER A 502 6.98 -10.82 12.39
C SER A 502 6.31 -10.20 13.59
N TYR A 503 5.72 -11.04 14.44
CA TYR A 503 5.03 -10.54 15.64
C TYR A 503 5.99 -9.95 16.68
N ARG A 504 7.23 -10.42 16.69
CA ARG A 504 8.25 -9.87 17.58
C ARG A 504 8.55 -8.40 17.25
N SER A 505 8.57 -8.08 15.96
CA SER A 505 8.86 -6.72 15.51
C SER A 505 7.86 -5.66 15.98
N CYS A 506 6.59 -6.04 16.11
CA CYS A 506 5.54 -5.07 16.39
C CYS A 506 4.97 -5.10 17.81
N ILE A 507 5.67 -5.76 18.73
CA ILE A 507 5.25 -5.84 20.14
C ILE A 507 5.15 -4.46 20.79
N LYS A 508 6.21 -3.66 20.66
CA LYS A 508 6.21 -2.30 21.20
C LYS A 508 5.16 -1.42 20.52
N GLU A 509 5.08 -1.50 19.20
CA GLU A 509 4.15 -0.68 18.43
C GLU A 509 2.68 -0.99 18.76
N TYR A 510 2.37 -2.27 18.93
CA TYR A 510 1.00 -2.69 19.20
C TYR A 510 0.74 -2.99 20.69
N ARG A 511 1.68 -2.63 21.55
CA ARG A 511 1.55 -2.84 23.00
C ARG A 511 1.18 -4.27 23.36
N PHE A 512 1.90 -5.24 22.81
CA PHE A 512 1.66 -6.65 23.10
C PHE A 512 2.38 -7.08 24.37
N SER A 513 1.85 -8.14 24.98
CA SER A 513 2.54 -8.84 26.04
C SER A 513 3.40 -9.92 25.40
N GLU A 514 4.70 -9.73 25.43
CA GLU A 514 5.65 -10.68 24.85
C GLU A 514 5.48 -12.09 25.39
N ARG A 515 5.23 -12.20 26.69
CA ARG A 515 5.05 -13.50 27.35
C ARG A 515 3.75 -14.21 26.96
N ARG A 516 2.77 -13.48 26.48
CA ARG A 516 1.52 -14.11 26.04
C ARG A 516 1.51 -14.28 24.52
N ILE A 517 1.82 -13.21 23.79
CA ILE A 517 1.70 -13.21 22.32
C ILE A 517 2.62 -14.22 21.62
N LEU A 518 3.88 -14.29 22.03
CA LEU A 518 4.87 -15.08 21.29
C LEU A 518 4.69 -16.59 21.46
N PRO A 519 4.37 -17.06 22.69
CA PRO A 519 4.02 -18.50 22.83
C PRO A 519 2.75 -18.90 22.08
N GLU A 520 1.79 -17.99 21.99
CA GLU A 520 0.58 -18.25 21.22
C GLU A 520 0.88 -18.40 19.72
N ILE A 521 1.74 -17.56 19.17
CA ILE A 521 2.12 -17.70 17.76
C ILE A 521 2.86 -19.01 17.55
N ALA A 522 3.78 -19.33 18.44
CA ALA A 522 4.60 -20.55 18.32
C ALA A 522 3.77 -21.82 18.45
N SER A 523 2.68 -21.76 19.23
CA SER A 523 1.79 -22.91 19.42
C SER A 523 0.98 -23.23 18.17
N THR A 524 1.00 -22.33 17.20
CA THR A 524 0.46 -22.57 15.86
C THR A 524 1.09 -23.82 15.23
N TYR A 525 2.37 -24.04 15.50
CA TYR A 525 3.08 -25.23 14.99
C TYR A 525 2.39 -26.51 15.45
N GLY A 526 2.07 -26.58 16.74
CA GLY A 526 1.39 -27.74 17.31
C GLY A 526 -0.01 -27.93 16.77
N VAL A 527 -0.75 -26.84 16.59
CA VAL A 527 -2.13 -26.93 16.12
C VAL A 527 -2.20 -27.49 14.71
N LEU A 528 -1.29 -27.02 13.86
CA LEU A 528 -1.24 -27.45 12.46
C LEU A 528 -0.81 -28.90 12.29
N LEU A 529 0.09 -29.38 13.16
CA LEU A 529 0.45 -30.80 13.17
C LEU A 529 -0.55 -31.63 14.00
N ASN A 530 -1.51 -30.95 14.64
CA ASN A 530 -2.57 -31.57 15.44
C ASN A 530 -2.09 -32.23 16.75
N ASP A 531 -1.02 -31.69 17.33
CA ASP A 531 -0.53 -32.12 18.65
C ASP A 531 -0.20 -30.87 19.47
N PRO A 532 -1.20 -30.31 20.18
CA PRO A 532 -1.11 -29.02 20.86
C PRO A 532 0.07 -28.83 21.83
N GLN A 533 0.53 -29.90 22.48
CA GLN A 533 1.63 -29.78 23.44
C GLN A 533 3.01 -30.06 22.84
N LEU A 534 3.06 -30.36 21.54
CA LEU A 534 4.31 -30.49 20.82
C LEU A 534 4.88 -29.10 20.57
N LYS A 535 6.19 -28.96 20.73
CA LYS A 535 6.88 -27.67 20.55
C LYS A 535 7.84 -27.75 19.38
N ILE A 536 8.26 -26.57 18.90
CA ILE A 536 9.04 -26.48 17.68
C ILE A 536 10.48 -26.95 17.96
N PRO A 537 10.94 -28.00 17.25
CA PRO A 537 12.32 -28.45 17.45
C PRO A 537 13.38 -27.46 16.93
N VAL A 538 14.29 -27.04 17.82
CA VAL A 538 15.38 -26.10 17.48
C VAL A 538 16.68 -26.47 18.18
N SER A 539 17.77 -25.77 17.84
CA SER A 539 19.07 -25.96 18.50
C SER A 539 19.34 -24.86 19.53
N ARG A 540 20.28 -25.12 20.43
CA ARG A 540 20.69 -24.12 21.42
C ARG A 540 21.33 -22.91 20.75
N ARG A 541 22.11 -23.17 19.70
CA ARG A 541 22.74 -22.11 18.91
C ARG A 541 21.70 -21.19 18.25
N PHE A 542 20.58 -21.77 17.83
CA PHE A 542 19.48 -20.98 17.25
C PHE A 542 18.75 -20.16 18.32
N LEU A 543 18.56 -20.76 19.49
CA LEU A 543 17.92 -20.10 20.63
C LEU A 543 18.74 -18.90 21.13
N ASP A 544 20.08 -18.99 21.02
CA ASP A 544 20.98 -17.90 21.41
C ASP A 544 20.96 -16.72 20.43
N LYS A 545 20.66 -16.99 19.16
CA LYS A 545 20.48 -15.93 18.16
C LYS A 545 19.24 -15.10 18.49
N LEU A 546 18.19 -15.77 18.96
CA LEU A 546 16.94 -15.12 19.35
C LEU A 546 17.08 -14.33 20.65
N GLY A 547 18.10 -14.63 21.45
CA GLY A 547 18.34 -13.95 22.72
C GLY A 547 17.35 -14.38 23.79
N LEU A 548 16.96 -15.66 23.76
CA LEU A 548 15.98 -16.21 24.68
C LEU A 548 16.48 -17.47 25.40
N SER A 549 17.78 -17.72 25.39
CA SER A 549 18.33 -18.93 26.04
C SER A 549 18.09 -18.93 27.55
N ARG A 550 17.96 -17.73 28.14
CA ARG A 550 17.67 -17.56 29.55
C ARG A 550 16.24 -17.09 29.82
N SER A 551 15.40 -17.10 28.79
CA SER A 551 14.03 -16.60 28.87
C SER A 551 13.05 -17.76 29.11
N PRO A 552 12.10 -17.58 30.05
CA PRO A 552 11.04 -18.59 30.22
C PRO A 552 10.09 -18.62 29.03
N ILE A 553 9.96 -17.48 28.34
CA ILE A 553 9.17 -17.37 27.12
C ILE A 553 9.73 -18.32 26.05
N GLY A 554 11.06 -18.43 25.99
CA GLY A 554 11.73 -19.34 25.06
C GLY A 554 11.56 -20.80 25.42
N LYS A 555 11.45 -21.11 26.71
CA LYS A 555 11.19 -22.48 27.16
C LYS A 555 9.80 -22.93 26.72
N ALA A 556 8.84 -22.00 26.70
CA ALA A 556 7.46 -22.30 26.31
C ALA A 556 7.27 -22.49 24.79
N MET A 557 8.11 -21.85 23.97
CA MET A 557 7.94 -21.86 22.51
C MET A 557 8.63 -23.03 21.82
N PHE A 558 9.84 -23.36 22.28
CA PHE A 558 10.71 -24.30 21.58
C PHE A 558 11.12 -25.49 22.44
N GLU A 559 11.39 -26.60 21.76
CA GLU A 559 12.06 -27.76 22.37
C GLU A 559 13.40 -27.94 21.69
N ILE A 560 14.44 -28.18 22.48
CA ILE A 560 15.78 -28.40 21.95
C ILE A 560 15.92 -29.87 21.50
N ARG A 561 15.94 -30.08 20.18
CA ARG A 561 16.06 -31.41 19.60
C ARG A 561 17.43 -31.55 18.90
N ASP A 562 18.49 -31.07 19.56
CA ASP A 562 19.85 -31.03 18.99
C ASP A 562 20.65 -32.26 19.38
P 5BU B 4 8.69 -11.34 5.42
OP1 5BU B 4 7.80 -12.36 4.85
OP2 5BU B 4 10.11 -11.35 5.04
O5' 5BU B 4 8.02 -9.93 5.14
C5' 5BU B 4 6.64 -9.77 5.40
C4' 5BU B 4 6.08 -8.45 4.90
O4' 5BU B 4 6.38 -7.45 5.88
C3' 5BU B 4 6.66 -7.91 3.59
O3' 5BU B 4 6.01 -8.47 2.47
C2' 5BU B 4 6.34 -6.44 3.73
O2' 5BU B 4 4.99 -6.15 3.46
C1' 5BU B 4 6.65 -6.23 5.21
N1 5BU B 4 8.05 -5.83 5.42
C2 5BU B 4 8.42 -4.52 5.20
O2 5BU B 4 7.63 -3.67 4.84
N3 5BU B 4 9.74 -4.23 5.42
C4 5BU B 4 10.71 -5.11 5.82
O4 5BU B 4 11.87 -4.73 5.98
C5 5BU B 4 10.27 -6.45 6.02
C6 5BU B 4 8.99 -6.77 5.83
BR 5BU B 4 11.53 -7.73 6.56
PG ANP C . -5.17 4.93 -2.22
O1G ANP C . -5.34 5.63 -0.89
O2G ANP C . -5.43 3.46 -2.18
O3G ANP C . -3.89 5.29 -2.93
PB ANP C . -6.31 6.98 -4.22
O1B ANP C . -4.95 7.02 -4.87
O2B ANP C . -6.73 8.16 -3.38
N3B ANP C . -6.45 5.55 -3.22
PA ANP C . -6.93 6.36 -6.89
O1A ANP C . -6.19 7.56 -7.45
O2A ANP C . -6.25 5.02 -6.93
O3A ANP C . -7.38 6.73 -5.39
O5' ANP C . -8.33 6.25 -7.66
C5' ANP C . -9.21 5.17 -7.38
C4' ANP C . -10.16 4.96 -8.53
O4' ANP C . -10.97 6.12 -8.69
C3' ANP C . -9.44 4.73 -9.84
O3' ANP C . -9.84 3.49 -10.43
C2' ANP C . -9.82 5.89 -10.74
O2' ANP C . -10.07 5.45 -12.08
C1' ANP C . -11.07 6.46 -10.07
N9 ANP C . -11.22 7.93 -10.14
C8 ANP C . -10.24 8.85 -10.19
N7 ANP C . -10.76 10.11 -10.22
C5 ANP C . -12.08 10.00 -10.17
C6 ANP C . -13.23 10.93 -10.16
N6 ANP C . -13.03 12.27 -10.22
N1 ANP C . -14.48 10.41 -10.09
C2 ANP C . -14.69 9.08 -10.03
N3 ANP C . -13.69 8.17 -10.04
C4 ANP C . -12.39 8.56 -10.11
MG MG D . -3.30 6.58 -4.23
#